data_6R06
#
_entry.id   6R06
#
_cell.length_a   58.065
_cell.length_b   58.065
_cell.length_c   397.506
_cell.angle_alpha   90.000
_cell.angle_beta   90.000
_cell.angle_gamma   120.000
#
_symmetry.space_group_name_H-M   'P 61 2 2'
#
loop_
_entity.id
_entity.type
_entity.pdbx_description
1 polymer 'Farnesyl diphosphate synthase'
2 non-polymer (3~{S},4~{S})-4-(3,4-dimethylphenoxy)-1-prop-2-ynyl-piperidin-3-ol
3 non-polymer 'ZINC ION'
4 non-polymer 'SULFATE ION'
5 non-polymer 'ACETATE ION'
6 water water
#
_entity_poly.entity_id   1
_entity_poly.type   'polypeptide(L)'
_entity_poly.pdbx_seq_one_letter_code
;GPMASMERFLSVYDEVQAFLLDQLQSKYEIDPNRARYLRIMMDTTCLGGKYFRGMTVVNVAEGFLAVTQHDEATKERILH
DACVGGWMIEFLQAHYLVEDDIMDGSVMRRGKPCWYRFPGVTTQCAINDGIILKSWTQIMAWHYFADRPFLKDLLCLFQK
VDYATAVGQMYDVTSMCDSNKLDPEVAQPMTTDFAEFTPAIYKRIVKYKTTFYTYLLPLVMGLLVSEAAASVEMNLVERV
AHLIGEYFQVQDDVMDCFTPPEQLGKVGTDIEDAKCSWLAVTFLGKANAAQVAEFKANYGEKDPAKVAVVKRLYSKANLQ
ADFAAYEAEVVREVESLIEQLKVKSPTFAESVAVVWEKTHKRKK
;
_entity_poly.pdbx_strand_id   A
#
# COMPACT_ATOMS: atom_id res chain seq x y z
N MET A 3 -24.55 12.79 5.96
CA MET A 3 -24.22 11.36 5.89
C MET A 3 -22.79 11.11 6.40
N ALA A 4 -22.60 10.11 7.30
CA ALA A 4 -21.30 9.73 7.87
C ALA A 4 -20.34 9.24 6.74
N SER A 5 -19.06 9.63 6.85
CA SER A 5 -17.99 9.39 5.86
C SER A 5 -17.83 7.95 5.40
N MET A 6 -17.67 7.02 6.37
CA MET A 6 -17.49 5.59 6.08
C MET A 6 -18.72 5.05 5.38
N GLU A 7 -19.90 5.42 5.89
CA GLU A 7 -21.18 5.01 5.33
C GLU A 7 -21.35 5.41 3.88
N ARG A 8 -21.02 6.67 3.56
CA ARG A 8 -21.07 7.15 2.19
C ARG A 8 -20.08 6.33 1.36
N PHE A 9 -18.84 6.15 1.87
CA PHE A 9 -17.79 5.39 1.17
C PHE A 9 -18.24 3.98 0.78
N LEU A 10 -18.78 3.23 1.74
CA LEU A 10 -19.26 1.87 1.47
C LEU A 10 -20.47 1.85 0.53
N SER A 11 -21.37 2.88 0.61
CA SER A 11 -22.51 2.91 -0.32
C SER A 11 -22.05 3.12 -1.78
N VAL A 12 -20.96 3.87 -1.97
CA VAL A 12 -20.41 4.11 -3.29
C VAL A 12 -19.84 2.80 -3.86
N TYR A 13 -19.26 1.93 -3.01
CA TYR A 13 -18.78 0.62 -3.48
C TYR A 13 -19.94 -0.13 -4.15
N ASP A 14 -21.10 -0.20 -3.48
CA ASP A 14 -22.26 -0.89 -4.02
C ASP A 14 -22.70 -0.32 -5.33
N GLU A 15 -22.66 1.03 -5.46
CA GLU A 15 -23.01 1.68 -6.72
C GLU A 15 -21.99 1.34 -7.83
N VAL A 16 -20.69 1.43 -7.51
CA VAL A 16 -19.63 1.13 -8.46
C VAL A 16 -19.72 -0.34 -8.89
N GLN A 17 -19.91 -1.26 -7.93
CA GLN A 17 -20.03 -2.66 -8.27
C GLN A 17 -21.20 -2.88 -9.23
N ALA A 18 -22.38 -2.30 -8.92
CA ALA A 18 -23.56 -2.45 -9.79
C ALA A 18 -23.26 -1.90 -11.17
N PHE A 19 -22.59 -0.75 -11.25
CA PHE A 19 -22.22 -0.15 -12.53
C PHE A 19 -21.31 -1.09 -13.36
N LEU A 20 -20.23 -1.59 -12.75
CA LEU A 20 -19.27 -2.45 -13.46
C LEU A 20 -19.95 -3.74 -13.94
N LEU A 21 -20.71 -4.39 -13.07
CA LEU A 21 -21.39 -5.63 -13.40
C LEU A 21 -22.48 -5.45 -14.46
N ASP A 22 -23.26 -4.34 -14.40
N ASP A 22 -23.26 -4.33 -14.41
CA ASP A 22 -24.29 -4.06 -15.41
CA ASP A 22 -24.32 -4.05 -15.39
C ASP A 22 -23.64 -3.84 -16.76
C ASP A 22 -23.72 -3.71 -16.76
N GLN A 23 -22.53 -3.08 -16.78
CA GLN A 23 -21.82 -2.75 -18.02
C GLN A 23 -21.30 -4.05 -18.65
N LEU A 24 -20.85 -5.01 -17.82
CA LEU A 24 -20.38 -6.30 -18.35
C LEU A 24 -21.52 -7.03 -19.06
N GLN A 25 -22.74 -6.91 -18.52
CA GLN A 25 -23.94 -7.52 -19.11
C GLN A 25 -24.37 -6.78 -20.40
N SER A 26 -24.46 -5.45 -20.33
CA SER A 26 -24.95 -4.66 -21.46
C SER A 26 -23.96 -4.46 -22.60
N LYS A 27 -22.64 -4.45 -22.31
CA LYS A 27 -21.65 -4.17 -23.34
C LYS A 27 -20.66 -5.29 -23.61
N TYR A 28 -20.42 -6.19 -22.64
CA TYR A 28 -19.40 -7.24 -22.76
C TYR A 28 -19.93 -8.66 -22.89
N GLU A 29 -21.26 -8.78 -23.12
CA GLU A 29 -21.95 -10.06 -23.34
C GLU A 29 -21.76 -11.09 -22.22
N ILE A 30 -21.52 -10.61 -20.98
CA ILE A 30 -21.33 -11.54 -19.87
C ILE A 30 -22.60 -12.29 -19.54
N ASP A 31 -22.46 -13.50 -19.01
CA ASP A 31 -23.56 -14.34 -18.55
C ASP A 31 -23.67 -14.20 -17.01
N PRO A 32 -24.83 -14.54 -16.40
CA PRO A 32 -25.00 -14.36 -14.95
C PRO A 32 -24.00 -15.06 -14.04
N ASN A 33 -23.54 -16.27 -14.43
CA ASN A 33 -22.59 -17.03 -13.62
C ASN A 33 -21.21 -16.40 -13.60
N ARG A 34 -20.77 -15.87 -14.74
CA ARG A 34 -19.47 -15.18 -14.81
C ARG A 34 -19.53 -13.82 -14.10
N ALA A 35 -20.71 -13.14 -14.15
CA ALA A 35 -20.94 -11.89 -13.43
C ALA A 35 -20.88 -12.18 -11.92
N ARG A 36 -21.51 -13.30 -11.47
CA ARG A 36 -21.49 -13.71 -10.06
C ARG A 36 -20.02 -13.99 -9.61
N TYR A 37 -19.26 -14.73 -10.43
CA TYR A 37 -17.86 -15.02 -10.12
C TYR A 37 -17.11 -13.69 -9.90
N LEU A 38 -17.22 -12.75 -10.86
CA LEU A 38 -16.56 -11.44 -10.79
C LEU A 38 -17.06 -10.59 -9.59
N ARG A 39 -18.33 -10.74 -9.21
CA ARG A 39 -18.88 -10.05 -8.04
C ARG A 39 -18.22 -10.58 -6.76
N ILE A 40 -18.15 -11.92 -6.61
CA ILE A 40 -17.49 -12.53 -5.46
C ILE A 40 -15.99 -12.18 -5.48
N MET A 41 -15.35 -12.19 -6.67
CA MET A 41 -13.95 -11.82 -6.74
C MET A 41 -13.71 -10.39 -6.22
N MET A 42 -14.56 -9.46 -6.66
CA MET A 42 -14.49 -8.07 -6.27
C MET A 42 -14.63 -7.94 -4.74
N ASP A 43 -15.67 -8.58 -4.17
CA ASP A 43 -15.87 -8.54 -2.73
C ASP A 43 -14.75 -9.15 -1.91
N THR A 44 -14.22 -10.32 -2.36
CA THR A 44 -13.18 -11.00 -1.61
C THR A 44 -11.84 -10.27 -1.65
N THR A 45 -11.52 -9.62 -2.77
CA THR A 45 -10.24 -8.95 -2.95
C THR A 45 -10.23 -7.47 -2.52
N CYS A 46 -11.39 -6.79 -2.58
CA CYS A 46 -11.50 -5.35 -2.26
C CYS A 46 -11.98 -5.02 -0.85
N LEU A 47 -12.74 -5.91 -0.21
CA LEU A 47 -13.32 -5.59 1.09
C LEU A 47 -12.62 -6.38 2.20
N GLY A 48 -12.80 -5.92 3.44
CA GLY A 48 -12.24 -6.60 4.59
C GLY A 48 -11.19 -5.84 5.35
N GLY A 49 -10.53 -4.89 4.66
CA GLY A 49 -9.49 -4.04 5.24
C GLY A 49 -10.06 -2.85 6.00
N LYS A 50 -9.20 -1.90 6.35
CA LYS A 50 -9.62 -0.72 7.08
C LYS A 50 -10.06 0.42 6.14
N TYR A 51 -9.72 0.30 4.83
CA TYR A 51 -10.03 1.32 3.81
C TYR A 51 -9.32 2.63 4.13
N PHE A 52 -8.14 2.55 4.77
CA PHE A 52 -7.39 3.75 5.13
C PHE A 52 -7.06 4.62 3.91
N ARG A 53 -6.59 3.98 2.83
CA ARG A 53 -6.23 4.71 1.61
C ARG A 53 -7.44 5.40 0.97
N GLY A 54 -8.54 4.68 0.75
CA GLY A 54 -9.76 5.25 0.16
C GLY A 54 -10.36 6.37 1.01
N MET A 55 -10.43 6.14 2.31
CA MET A 55 -10.95 7.11 3.29
C MET A 55 -10.10 8.35 3.42
N THR A 56 -8.77 8.26 3.13
CA THR A 56 -7.93 9.46 3.18
C THR A 56 -8.41 10.45 2.09
N VAL A 57 -8.80 9.92 0.90
CA VAL A 57 -9.29 10.78 -0.20
C VAL A 57 -10.52 11.54 0.31
N VAL A 58 -11.47 10.79 0.88
CA VAL A 58 -12.72 11.35 1.42
C VAL A 58 -12.43 12.38 2.52
N ASN A 59 -11.56 12.04 3.49
CA ASN A 59 -11.20 12.95 4.58
C ASN A 59 -10.60 14.27 4.08
N VAL A 60 -9.70 14.20 3.06
CA VAL A 60 -9.07 15.38 2.47
C VAL A 60 -10.14 16.27 1.84
N ALA A 61 -11.03 15.65 1.02
CA ALA A 61 -12.11 16.41 0.37
C ALA A 61 -13.06 17.03 1.41
N GLU A 62 -13.36 16.28 2.48
CA GLU A 62 -14.20 16.82 3.57
C GLU A 62 -13.60 18.06 4.21
N GLY A 63 -12.27 18.06 4.41
CA GLY A 63 -11.57 19.20 5.01
C GLY A 63 -11.80 20.47 4.21
N PHE A 64 -11.61 20.38 2.88
CA PHE A 64 -11.82 21.52 1.99
C PHE A 64 -13.27 21.97 1.90
N LEU A 65 -14.25 21.02 1.92
CA LEU A 65 -15.66 21.41 1.87
C LEU A 65 -16.04 22.33 3.04
N ALA A 66 -15.43 22.10 4.22
CA ALA A 66 -15.74 22.89 5.42
C ALA A 66 -15.34 24.36 5.30
N VAL A 67 -14.34 24.67 4.42
CA VAL A 67 -13.87 26.06 4.29
C VAL A 67 -14.12 26.69 2.91
N THR A 68 -14.84 26.00 2.02
CA THR A 68 -15.10 26.49 0.64
C THR A 68 -16.59 26.67 0.37
N GLN A 69 -16.95 27.73 -0.38
CA GLN A 69 -18.34 27.98 -0.75
C GLN A 69 -18.73 27.10 -1.95
N HIS A 70 -19.81 26.33 -1.79
CA HIS A 70 -20.34 25.47 -2.84
C HIS A 70 -21.86 25.36 -2.67
N ASP A 71 -22.56 25.08 -3.78
CA ASP A 71 -23.98 24.73 -3.75
C ASP A 71 -23.98 23.31 -3.13
N GLU A 72 -25.11 22.90 -2.54
CA GLU A 72 -25.28 21.56 -1.95
C GLU A 72 -24.98 20.47 -2.98
N ALA A 73 -25.49 20.64 -4.23
CA ALA A 73 -25.26 19.66 -5.30
C ALA A 73 -23.78 19.50 -5.60
N THR A 74 -22.98 20.57 -5.46
CA THR A 74 -21.53 20.53 -5.70
C THR A 74 -20.84 19.78 -4.56
N LYS A 75 -21.28 20.02 -3.30
CA LYS A 75 -20.71 19.29 -2.15
C LYS A 75 -20.93 17.79 -2.34
N GLU A 76 -22.16 17.40 -2.77
CA GLU A 76 -22.51 16.00 -3.01
C GLU A 76 -21.64 15.42 -4.12
N ARG A 77 -21.42 16.20 -5.21
CA ARG A 77 -20.58 15.76 -6.33
C ARG A 77 -19.14 15.51 -5.88
N ILE A 78 -18.57 16.46 -5.10
CA ILE A 78 -17.20 16.34 -4.61
C ILE A 78 -17.06 15.10 -3.74
N LEU A 79 -17.97 14.93 -2.78
CA LEU A 79 -17.89 13.76 -1.90
C LEU A 79 -18.02 12.44 -2.67
N HIS A 80 -18.94 12.40 -3.67
CA HIS A 80 -19.12 11.21 -4.48
C HIS A 80 -17.83 10.95 -5.29
N ASP A 81 -17.25 12.02 -5.87
CA ASP A 81 -15.97 11.87 -6.61
C ASP A 81 -14.83 11.38 -5.70
N ALA A 82 -14.77 11.90 -4.45
CA ALA A 82 -13.73 11.47 -3.50
C ALA A 82 -13.90 9.97 -3.17
N CYS A 83 -15.16 9.51 -3.06
CA CYS A 83 -15.43 8.08 -2.80
C CYS A 83 -15.00 7.23 -4.00
N VAL A 84 -15.36 7.63 -5.23
CA VAL A 84 -14.95 6.88 -6.43
C VAL A 84 -13.43 6.84 -6.53
N GLY A 85 -12.81 7.99 -6.29
CA GLY A 85 -11.36 8.13 -6.29
C GLY A 85 -10.73 7.19 -5.27
N GLY A 86 -11.31 7.16 -4.07
CA GLY A 86 -10.86 6.30 -2.97
C GLY A 86 -10.94 4.83 -3.37
N TRP A 87 -12.05 4.43 -4.06
CA TRP A 87 -12.21 3.03 -4.51
C TRP A 87 -11.23 2.68 -5.60
N MET A 88 -10.86 3.67 -6.45
CA MET A 88 -9.84 3.39 -7.47
C MET A 88 -8.56 2.93 -6.74
N ILE A 89 -8.21 3.60 -5.62
CA ILE A 89 -6.96 3.23 -4.92
C ILE A 89 -7.12 1.86 -4.24
N GLU A 90 -8.31 1.62 -3.64
CA GLU A 90 -8.60 0.35 -2.96
C GLU A 90 -8.52 -0.81 -3.97
N PHE A 91 -9.04 -0.58 -5.19
CA PHE A 91 -9.00 -1.61 -6.24
C PHE A 91 -7.57 -1.78 -6.77
N LEU A 92 -6.82 -0.66 -6.80
CA LEU A 92 -5.39 -0.76 -7.23
C LEU A 92 -4.63 -1.63 -6.20
N GLN A 93 -4.87 -1.38 -4.90
CA GLN A 93 -4.25 -2.18 -3.87
C GLN A 93 -4.68 -3.66 -3.99
N ALA A 94 -6.00 -3.90 -4.27
CA ALA A 94 -6.52 -5.28 -4.42
C ALA A 94 -5.74 -6.01 -5.56
N HIS A 95 -5.46 -5.31 -6.67
CA HIS A 95 -4.67 -5.85 -7.78
C HIS A 95 -3.29 -6.26 -7.24
N TYR A 96 -2.58 -5.36 -6.56
N TYR A 96 -2.62 -5.34 -6.54
CA TYR A 96 -1.24 -5.71 -6.08
CA TYR A 96 -1.28 -5.59 -5.99
C TYR A 96 -1.24 -6.81 -5.04
C TYR A 96 -1.28 -6.80 -5.08
N LEU A 97 -2.25 -6.88 -4.16
CA LEU A 97 -2.31 -7.98 -3.16
C LEU A 97 -2.56 -9.34 -3.80
N VAL A 98 -3.45 -9.37 -4.79
CA VAL A 98 -3.77 -10.61 -5.50
C VAL A 98 -2.49 -11.13 -6.17
N GLU A 99 -1.82 -10.28 -6.93
CA GLU A 99 -0.62 -10.67 -7.69
C GLU A 99 0.57 -10.96 -6.76
N ASP A 100 0.75 -10.13 -5.73
CA ASP A 100 1.83 -10.34 -4.74
C ASP A 100 1.67 -11.70 -4.04
N ASP A 101 0.43 -12.03 -3.64
CA ASP A 101 0.16 -13.31 -2.97
C ASP A 101 0.52 -14.51 -3.88
N ILE A 102 0.24 -14.39 -5.20
CA ILE A 102 0.57 -15.45 -6.14
C ILE A 102 2.10 -15.50 -6.28
N MET A 103 2.70 -14.34 -6.50
CA MET A 103 4.15 -14.21 -6.69
C MET A 103 4.92 -14.82 -5.50
N ASP A 104 4.41 -14.63 -4.26
CA ASP A 104 5.09 -15.07 -3.04
C ASP A 104 4.71 -16.46 -2.54
N GLY A 105 3.69 -17.09 -3.14
CA GLY A 105 3.18 -18.38 -2.67
C GLY A 105 2.56 -18.23 -1.29
N SER A 106 1.93 -17.07 -1.04
CA SER A 106 1.29 -16.77 0.26
C SER A 106 0.07 -17.64 0.49
N VAL A 107 -0.19 -17.95 1.77
CA VAL A 107 -1.27 -18.83 2.21
C VAL A 107 -2.54 -18.06 2.65
N MET A 108 -2.36 -17.07 3.53
CA MET A 108 -3.45 -16.28 4.09
C MET A 108 -3.24 -14.80 3.84
N ARG A 109 -4.35 -14.07 3.82
CA ARG A 109 -4.49 -12.62 3.60
C ARG A 109 -5.76 -12.22 4.36
N ARG A 110 -5.62 -11.39 5.43
CA ARG A 110 -6.71 -10.92 6.31
C ARG A 110 -7.41 -12.09 7.06
N GLY A 111 -6.65 -13.10 7.44
CA GLY A 111 -7.16 -14.30 8.13
C GLY A 111 -7.99 -15.24 7.27
N LYS A 112 -7.96 -15.02 5.94
CA LYS A 112 -8.70 -15.85 4.98
C LYS A 112 -7.70 -16.37 3.93
N PRO A 113 -8.00 -17.45 3.16
CA PRO A 113 -7.02 -17.89 2.15
C PRO A 113 -6.82 -16.81 1.10
N CYS A 114 -5.60 -16.79 0.54
CA CYS A 114 -5.31 -15.89 -0.55
C CYS A 114 -6.28 -16.21 -1.71
N TRP A 115 -6.66 -15.19 -2.49
CA TRP A 115 -7.64 -15.40 -3.57
C TRP A 115 -7.29 -16.59 -4.48
N TYR A 116 -6.02 -16.68 -4.94
CA TYR A 116 -5.65 -17.77 -5.83
C TYR A 116 -5.82 -19.17 -5.23
N ARG A 117 -5.85 -19.27 -3.89
N ARG A 117 -5.86 -19.28 -3.88
CA ARG A 117 -6.00 -20.54 -3.15
CA ARG A 117 -6.00 -20.56 -3.17
C ARG A 117 -7.44 -21.05 -3.07
C ARG A 117 -7.45 -21.03 -3.05
N PHE A 118 -8.43 -20.19 -3.42
CA PHE A 118 -9.84 -20.59 -3.41
C PHE A 118 -10.01 -21.77 -4.41
N PRO A 119 -10.71 -22.84 -4.02
CA PRO A 119 -10.76 -24.05 -4.85
C PRO A 119 -11.18 -23.84 -6.32
N GLY A 120 -12.14 -22.94 -6.53
CA GLY A 120 -12.68 -22.63 -7.85
C GLY A 120 -12.03 -21.46 -8.55
N VAL A 121 -10.87 -21.02 -8.03
CA VAL A 121 -10.16 -19.90 -8.62
C VAL A 121 -8.92 -20.46 -9.31
N THR A 122 -7.89 -20.80 -8.54
CA THR A 122 -6.56 -21.29 -9.00
C THR A 122 -5.76 -20.12 -9.61
N THR A 123 -4.43 -20.32 -9.73
CA THR A 123 -3.54 -19.31 -10.28
C THR A 123 -3.88 -18.93 -11.71
N GLN A 124 -4.33 -19.93 -12.52
CA GLN A 124 -4.69 -19.69 -13.90
C GLN A 124 -5.73 -18.57 -14.00
N CYS A 125 -6.71 -18.55 -13.11
CA CYS A 125 -7.71 -17.49 -13.11
C CYS A 125 -7.25 -16.28 -12.34
N ALA A 126 -6.69 -16.50 -11.14
CA ALA A 126 -6.33 -15.41 -10.25
C ALA A 126 -5.41 -14.35 -10.86
N ILE A 127 -4.41 -14.77 -11.71
CA ILE A 127 -3.53 -13.77 -12.33
C ILE A 127 -4.39 -12.81 -13.17
N ASN A 128 -5.31 -13.39 -13.98
CA ASN A 128 -6.18 -12.54 -14.81
C ASN A 128 -7.16 -11.71 -13.95
N ASP A 129 -7.70 -12.31 -12.86
CA ASP A 129 -8.59 -11.60 -11.94
C ASP A 129 -7.88 -10.32 -11.40
N GLY A 130 -6.61 -10.45 -11.05
CA GLY A 130 -5.80 -9.35 -10.55
C GLY A 130 -5.67 -8.28 -11.61
N ILE A 131 -5.51 -8.69 -12.90
CA ILE A 131 -5.42 -7.73 -14.04
C ILE A 131 -6.76 -6.95 -14.20
N ILE A 132 -7.88 -7.69 -14.07
CA ILE A 132 -9.21 -7.09 -14.14
C ILE A 132 -9.39 -6.04 -13.03
N LEU A 133 -8.98 -6.36 -11.80
CA LEU A 133 -9.08 -5.41 -10.70
C LEU A 133 -8.47 -4.06 -11.10
N LYS A 134 -7.28 -4.08 -11.72
CA LYS A 134 -6.66 -2.80 -12.12
C LYS A 134 -7.40 -2.17 -13.29
N SER A 135 -7.89 -2.99 -14.25
N SER A 135 -7.89 -2.98 -14.23
CA SER A 135 -8.63 -2.47 -15.39
CA SER A 135 -8.62 -2.42 -15.36
C SER A 135 -9.90 -1.73 -14.92
C SER A 135 -9.87 -1.67 -14.86
N TRP A 136 -10.55 -2.24 -13.84
CA TRP A 136 -11.73 -1.59 -13.26
C TRP A 136 -11.44 -0.18 -12.71
N THR A 137 -10.20 0.06 -12.20
CA THR A 137 -9.88 1.44 -11.71
C THR A 137 -10.00 2.46 -12.85
N GLN A 138 -9.59 2.04 -14.07
CA GLN A 138 -9.65 2.95 -15.21
C GLN A 138 -11.09 3.10 -15.71
N ILE A 139 -11.85 2.00 -15.71
CA ILE A 139 -13.28 2.06 -16.14
C ILE A 139 -14.00 3.06 -15.24
N MET A 140 -13.76 2.96 -13.89
CA MET A 140 -14.32 3.90 -12.90
C MET A 140 -14.01 5.35 -13.24
N ALA A 141 -12.71 5.64 -13.49
CA ALA A 141 -12.27 7.01 -13.77
C ALA A 141 -12.92 7.56 -15.02
N TRP A 142 -12.83 6.81 -16.14
CA TRP A 142 -13.41 7.30 -17.39
C TRP A 142 -14.93 7.49 -17.32
N HIS A 143 -15.63 6.64 -16.56
CA HIS A 143 -17.09 6.76 -16.47
C HIS A 143 -17.49 7.91 -15.53
N TYR A 144 -17.03 7.83 -14.27
CA TYR A 144 -17.45 8.80 -13.26
C TYR A 144 -16.89 10.19 -13.43
N PHE A 145 -15.67 10.31 -14.00
CA PHE A 145 -15.00 11.60 -14.16
C PHE A 145 -14.91 12.11 -15.61
N ALA A 146 -15.74 11.54 -16.50
CA ALA A 146 -15.79 11.88 -17.92
C ALA A 146 -15.74 13.39 -18.19
N ASP A 147 -16.53 14.18 -17.45
CA ASP A 147 -16.57 15.62 -17.74
C ASP A 147 -15.78 16.49 -16.74
N ARG A 148 -15.00 15.86 -15.88
CA ARG A 148 -14.29 16.59 -14.82
C ARG A 148 -13.05 17.27 -15.28
N PRO A 149 -12.78 18.50 -14.77
CA PRO A 149 -11.55 19.19 -15.18
C PRO A 149 -10.28 18.48 -14.72
N PHE A 150 -10.35 17.70 -13.62
CA PHE A 150 -9.21 17.00 -13.04
C PHE A 150 -8.91 15.62 -13.65
N LEU A 151 -9.75 15.15 -14.61
CA LEU A 151 -9.55 13.80 -15.17
C LEU A 151 -8.15 13.57 -15.69
N LYS A 152 -7.64 14.50 -16.52
CA LYS A 152 -6.28 14.32 -17.07
C LYS A 152 -5.20 14.15 -15.97
N ASP A 153 -5.17 15.09 -15.01
CA ASP A 153 -4.17 15.09 -13.93
C ASP A 153 -4.30 13.83 -13.08
N LEU A 154 -5.54 13.44 -12.82
CA LEU A 154 -5.85 12.28 -12.00
C LEU A 154 -5.31 11.01 -12.71
N LEU A 155 -5.64 10.83 -14.00
CA LEU A 155 -5.14 9.62 -14.72
C LEU A 155 -3.61 9.60 -14.82
N CYS A 156 -3.01 10.77 -15.06
CA CYS A 156 -1.56 10.90 -15.15
C CYS A 156 -0.89 10.52 -13.82
N LEU A 157 -1.40 11.06 -12.71
CA LEU A 157 -0.91 10.76 -11.34
C LEU A 157 -1.05 9.25 -11.05
N PHE A 158 -2.26 8.71 -11.32
CA PHE A 158 -2.54 7.30 -11.08
C PHE A 158 -1.54 6.40 -11.79
N GLN A 159 -1.27 6.69 -13.09
CA GLN A 159 -0.32 5.91 -13.89
C GLN A 159 1.10 5.99 -13.28
N LYS A 160 1.57 7.20 -12.97
CA LYS A 160 2.91 7.39 -12.40
C LYS A 160 3.04 6.64 -11.07
N VAL A 161 1.99 6.70 -10.23
CA VAL A 161 2.00 5.98 -8.96
C VAL A 161 2.03 4.45 -9.16
N ASP A 162 1.19 3.96 -10.10
CA ASP A 162 1.14 2.53 -10.39
C ASP A 162 2.52 2.02 -10.87
N TYR A 163 3.15 2.77 -11.80
CA TYR A 163 4.46 2.39 -12.32
C TYR A 163 5.53 2.41 -11.20
N ALA A 164 5.52 3.43 -10.36
CA ALA A 164 6.50 3.51 -9.25
C ALA A 164 6.32 2.29 -8.35
N THR A 165 5.05 1.88 -8.10
CA THR A 165 4.74 0.75 -7.25
C THR A 165 5.24 -0.56 -7.86
N ALA A 166 5.06 -0.73 -9.20
CA ALA A 166 5.57 -1.95 -9.85
C ALA A 166 7.11 -1.99 -9.78
N VAL A 167 7.75 -0.83 -9.96
CA VAL A 167 9.23 -0.74 -9.84
C VAL A 167 9.64 -1.12 -8.41
N GLY A 168 8.89 -0.61 -7.42
CA GLY A 168 9.10 -0.96 -6.01
C GLY A 168 8.97 -2.44 -5.72
N GLN A 169 7.99 -3.08 -6.39
CA GLN A 169 7.83 -4.52 -6.24
C GLN A 169 9.06 -5.20 -6.80
N MET A 170 9.60 -4.72 -7.94
CA MET A 170 10.83 -5.33 -8.45
C MET A 170 12.00 -5.16 -7.43
N TYR A 171 12.10 -3.99 -6.82
CA TYR A 171 13.14 -3.71 -5.80
C TYR A 171 12.99 -4.65 -4.62
N ASP A 172 11.73 -4.88 -4.19
CA ASP A 172 11.43 -5.76 -3.08
C ASP A 172 11.76 -7.23 -3.38
N VAL A 173 11.28 -7.74 -4.51
CA VAL A 173 11.48 -9.17 -4.86
C VAL A 173 12.93 -9.51 -5.07
N THR A 174 13.76 -8.50 -5.45
CA THR A 174 15.19 -8.74 -5.72
C THR A 174 16.08 -8.22 -4.58
N SER A 175 15.50 -7.85 -3.42
CA SER A 175 16.23 -7.24 -2.29
C SER A 175 17.22 -8.18 -1.57
N MET A 176 17.12 -9.49 -1.79
CA MET A 176 17.97 -10.50 -1.16
C MET A 176 19.05 -11.05 -2.07
N CYS A 177 19.22 -10.47 -3.28
N CYS A 177 19.21 -10.51 -3.29
CA CYS A 177 20.24 -10.90 -4.24
CA CYS A 177 20.26 -10.97 -4.19
C CYS A 177 21.32 -9.85 -4.41
C CYS A 177 21.33 -9.88 -4.34
N ASP A 178 22.51 -10.25 -4.88
CA ASP A 178 23.58 -9.27 -5.14
C ASP A 178 23.24 -8.64 -6.46
N SER A 179 23.12 -7.29 -6.51
CA SER A 179 22.78 -6.58 -7.74
C SER A 179 23.67 -6.96 -8.93
N ASN A 180 24.99 -7.06 -8.72
CA ASN A 180 25.94 -7.41 -9.77
C ASN A 180 25.78 -8.85 -10.31
N LYS A 181 24.97 -9.70 -9.64
CA LYS A 181 24.70 -11.06 -10.08
C LYS A 181 23.34 -11.19 -10.81
N LEU A 182 22.49 -10.14 -10.78
CA LEU A 182 21.18 -10.15 -11.45
C LEU A 182 21.36 -10.49 -12.92
N ASP A 183 20.65 -11.52 -13.39
CA ASP A 183 20.80 -12.00 -14.75
C ASP A 183 19.64 -12.96 -15.07
N PRO A 184 18.80 -12.63 -16.07
CA PRO A 184 17.68 -13.54 -16.43
C PRO A 184 18.14 -14.95 -16.80
N GLU A 185 19.37 -15.09 -17.30
CA GLU A 185 19.91 -16.39 -17.71
C GLU A 185 20.39 -17.29 -16.59
N VAL A 186 20.62 -16.72 -15.39
CA VAL A 186 21.25 -17.46 -14.28
C VAL A 186 20.38 -17.46 -13.03
N ALA A 187 20.15 -18.68 -12.44
CA ALA A 187 19.35 -18.79 -11.22
C ALA A 187 20.01 -17.93 -10.12
N GLN A 188 19.18 -17.13 -9.47
CA GLN A 188 19.67 -16.15 -8.51
C GLN A 188 20.02 -16.69 -7.14
N PRO A 189 21.32 -16.62 -6.72
CA PRO A 189 21.65 -17.03 -5.35
C PRO A 189 21.30 -15.90 -4.38
N MET A 190 20.93 -16.26 -3.15
CA MET A 190 20.69 -15.29 -2.09
C MET A 190 22.07 -14.66 -1.73
N THR A 191 22.10 -13.36 -1.32
CA THR A 191 23.34 -12.69 -0.93
C THR A 191 24.02 -13.42 0.22
N THR A 192 25.37 -13.38 0.28
CA THR A 192 26.11 -13.97 1.39
C THR A 192 26.70 -12.84 2.28
N ASP A 193 27.04 -11.67 1.69
CA ASP A 193 27.65 -10.57 2.43
C ASP A 193 26.64 -9.58 3.04
N PHE A 194 25.39 -9.55 2.51
CA PHE A 194 24.35 -8.64 2.95
C PHE A 194 24.78 -7.15 2.84
N ALA A 195 25.74 -6.86 1.93
CA ALA A 195 26.26 -5.49 1.73
C ALA A 195 25.18 -4.52 1.26
N GLU A 196 24.12 -5.05 0.63
CA GLU A 196 23.03 -4.23 0.16
C GLU A 196 21.91 -4.09 1.19
N PHE A 197 22.15 -4.56 2.44
CA PHE A 197 21.17 -4.40 3.50
C PHE A 197 21.55 -3.14 4.26
N THR A 198 21.36 -1.98 3.61
CA THR A 198 21.69 -0.68 4.15
C THR A 198 20.43 0.17 4.32
N PRO A 199 20.48 1.20 5.21
CA PRO A 199 19.32 2.10 5.36
C PRO A 199 18.86 2.75 4.04
N ALA A 200 19.80 3.25 3.19
CA ALA A 200 19.44 3.91 1.91
C ALA A 200 18.82 2.95 0.89
N ILE A 201 19.27 1.68 0.87
CA ILE A 201 18.71 0.69 -0.04
C ILE A 201 17.32 0.30 0.46
N TYR A 202 17.18 0.13 1.79
CA TYR A 202 15.90 -0.17 2.44
C TYR A 202 14.90 0.97 2.15
N LYS A 203 15.35 2.23 2.31
CA LYS A 203 14.54 3.43 2.04
C LYS A 203 14.06 3.44 0.59
N ARG A 204 14.92 3.04 -0.38
CA ARG A 204 14.50 2.98 -1.80
C ARG A 204 13.40 1.94 -2.04
N ILE A 205 13.55 0.71 -1.49
CA ILE A 205 12.50 -0.31 -1.66
C ILE A 205 11.17 0.22 -1.13
N VAL A 206 11.18 0.72 0.11
CA VAL A 206 9.96 1.19 0.78
C VAL A 206 9.33 2.38 0.06
N LYS A 207 10.16 3.34 -0.37
CA LYS A 207 9.67 4.53 -1.05
C LYS A 207 8.78 4.13 -2.24
N TYR A 208 9.32 3.26 -3.11
CA TYR A 208 8.61 2.86 -4.32
C TYR A 208 7.54 1.82 -4.09
N LYS A 209 7.81 0.78 -3.26
CA LYS A 209 6.82 -0.29 -3.13
C LYS A 209 5.55 0.08 -2.36
N THR A 210 5.60 1.05 -1.40
CA THR A 210 4.44 1.38 -0.57
C THR A 210 4.04 2.85 -0.54
N THR A 211 4.99 3.76 -0.34
CA THR A 211 4.66 5.15 -0.02
C THR A 211 3.88 5.88 -1.11
N PHE A 212 4.19 5.63 -2.41
CA PHE A 212 3.46 6.35 -3.46
C PHE A 212 1.99 6.00 -3.48
N TYR A 213 1.63 4.70 -3.38
CA TYR A 213 0.20 4.36 -3.48
C TYR A 213 -0.53 4.48 -2.14
N THR A 214 0.19 4.34 -1.01
CA THR A 214 -0.45 4.34 0.29
C THR A 214 -0.65 5.75 0.81
N TYR A 215 0.30 6.67 0.53
CA TYR A 215 0.16 8.04 1.05
C TYR A 215 0.13 9.13 0.00
N LEU A 216 1.05 9.12 -0.96
CA LEU A 216 1.03 10.21 -1.94
C LEU A 216 -0.26 10.22 -2.75
N LEU A 217 -0.65 9.05 -3.31
CA LEU A 217 -1.83 8.97 -4.16
C LEU A 217 -3.13 9.37 -3.43
N PRO A 218 -3.48 8.85 -2.22
CA PRO A 218 -4.73 9.31 -1.58
C PRO A 218 -4.74 10.82 -1.26
N LEU A 219 -3.59 11.37 -0.82
CA LEU A 219 -3.52 12.80 -0.48
C LEU A 219 -3.71 13.66 -1.73
N VAL A 220 -2.95 13.38 -2.78
CA VAL A 220 -3.06 14.17 -4.01
C VAL A 220 -4.44 13.96 -4.67
N MET A 221 -4.98 12.71 -4.62
CA MET A 221 -6.31 12.50 -5.21
C MET A 221 -7.38 13.34 -4.48
N GLY A 222 -7.24 13.45 -3.16
CA GLY A 222 -8.13 14.30 -2.34
C GLY A 222 -8.03 15.76 -2.79
N LEU A 223 -6.79 16.22 -3.09
CA LEU A 223 -6.59 17.58 -3.61
C LEU A 223 -7.21 17.74 -5.01
N LEU A 224 -7.00 16.77 -5.91
CA LEU A 224 -7.50 16.81 -7.30
C LEU A 224 -9.02 16.89 -7.38
N VAL A 225 -9.73 16.01 -6.65
CA VAL A 225 -11.20 16.01 -6.65
C VAL A 225 -11.77 17.32 -6.04
N SER A 226 -10.98 17.97 -5.15
CA SER A 226 -11.36 19.25 -4.50
C SER A 226 -10.94 20.45 -5.34
N GLU A 227 -10.19 20.24 -6.44
CA GLU A 227 -9.63 21.34 -7.27
C GLU A 227 -8.83 22.29 -6.35
N ALA A 228 -8.04 21.69 -5.46
CA ALA A 228 -7.29 22.38 -4.39
C ALA A 228 -5.77 22.20 -4.48
N ALA A 229 -5.21 21.69 -5.59
CA ALA A 229 -3.76 21.49 -5.68
C ALA A 229 -2.94 22.79 -5.50
N ALA A 230 -3.55 23.99 -5.71
CA ALA A 230 -2.89 25.29 -5.51
C ALA A 230 -2.74 25.64 -4.02
N SER A 231 -3.59 25.04 -3.14
CA SER A 231 -3.53 25.24 -1.69
C SER A 231 -2.31 24.56 -1.03
N VAL A 232 -1.46 23.88 -1.84
CA VAL A 232 -0.30 23.17 -1.34
C VAL A 232 0.93 23.39 -2.19
N GLU A 233 2.09 23.12 -1.57
CA GLU A 233 3.39 23.10 -2.21
C GLU A 233 3.59 21.59 -2.43
N MET A 234 3.55 21.12 -3.70
CA MET A 234 3.65 19.69 -4.02
C MET A 234 4.94 19.02 -3.48
N ASN A 235 6.07 19.75 -3.45
CA ASN A 235 7.32 19.19 -2.90
C ASN A 235 7.17 18.80 -1.42
N LEU A 236 6.37 19.56 -0.64
CA LEU A 236 6.11 19.25 0.79
C LEU A 236 5.21 18.04 0.90
N VAL A 237 4.18 17.96 0.02
CA VAL A 237 3.26 16.82 0.04
C VAL A 237 4.04 15.54 -0.23
N GLU A 238 4.95 15.59 -1.22
CA GLU A 238 5.81 14.44 -1.56
C GLU A 238 6.74 14.08 -0.40
N ARG A 239 7.36 15.09 0.23
CA ARG A 239 8.27 14.85 1.35
C ARG A 239 7.53 14.27 2.55
N VAL A 240 6.33 14.79 2.89
CA VAL A 240 5.58 14.24 4.03
C VAL A 240 5.00 12.82 3.72
N ALA A 241 4.59 12.53 2.47
CA ALA A 241 4.06 11.22 2.13
C ALA A 241 5.14 10.16 2.25
N HIS A 242 6.35 10.44 1.73
CA HIS A 242 7.50 9.50 1.79
C HIS A 242 7.91 9.19 3.24
N LEU A 243 7.88 10.22 4.10
CA LEU A 243 8.25 10.10 5.51
C LEU A 243 7.22 9.27 6.30
N ILE A 244 5.91 9.58 6.16
CA ILE A 244 4.87 8.78 6.83
C ILE A 244 4.84 7.35 6.28
N GLY A 245 5.00 7.23 4.96
CA GLY A 245 5.01 5.95 4.27
C GLY A 245 6.12 5.03 4.76
N GLU A 246 7.31 5.61 4.98
CA GLU A 246 8.45 4.83 5.47
C GLU A 246 8.20 4.30 6.89
N TYR A 247 7.64 5.16 7.78
CA TYR A 247 7.32 4.75 9.14
C TYR A 247 6.29 3.60 9.11
N PHE A 248 5.22 3.73 8.25
CA PHE A 248 4.19 2.71 8.06
C PHE A 248 4.85 1.36 7.72
N GLN A 249 5.81 1.35 6.76
CA GLN A 249 6.48 0.09 6.38
C GLN A 249 7.39 -0.45 7.47
N VAL A 250 8.05 0.42 8.23
CA VAL A 250 8.87 -0.01 9.36
C VAL A 250 7.94 -0.75 10.36
N GLN A 251 6.71 -0.21 10.60
CA GLN A 251 5.68 -0.85 11.44
C GLN A 251 5.29 -2.21 10.87
N ASP A 252 5.08 -2.29 9.53
CA ASP A 252 4.75 -3.54 8.83
C ASP A 252 5.86 -4.57 9.07
N ASP A 253 7.13 -4.17 8.84
CA ASP A 253 8.31 -5.02 9.03
C ASP A 253 8.42 -5.56 10.46
N VAL A 254 8.23 -4.69 11.46
CA VAL A 254 8.32 -5.12 12.86
C VAL A 254 7.22 -6.15 13.17
N MET A 255 5.97 -5.86 12.74
CA MET A 255 4.80 -6.74 12.96
C MET A 255 4.96 -8.14 12.34
N ASP A 256 5.55 -8.23 11.13
CA ASP A 256 5.76 -9.49 10.42
C ASP A 256 6.55 -10.50 11.28
N CYS A 257 7.46 -9.98 12.11
CA CYS A 257 8.32 -10.77 12.97
C CYS A 257 7.74 -11.03 14.35
N PHE A 258 7.10 -10.02 14.97
CA PHE A 258 6.66 -10.10 16.37
C PHE A 258 5.13 -10.10 16.65
N THR A 259 4.28 -9.71 15.68
CA THR A 259 2.82 -9.70 15.90
C THR A 259 2.24 -11.10 15.69
N PRO A 260 1.43 -11.64 16.66
CA PRO A 260 0.86 -12.99 16.48
C PRO A 260 0.10 -13.18 15.16
N PRO A 261 0.20 -14.38 14.52
CA PRO A 261 -0.46 -14.59 13.22
C PRO A 261 -1.97 -14.30 13.18
N GLU A 262 -2.69 -14.55 14.29
CA GLU A 262 -4.13 -14.28 14.40
C GLU A 262 -4.46 -12.77 14.33
N GLN A 263 -3.56 -11.92 14.87
CA GLN A 263 -3.72 -10.46 14.89
C GLN A 263 -3.28 -9.85 13.55
N LEU A 264 -2.20 -10.39 12.96
CA LEU A 264 -1.64 -9.96 11.67
C LEU A 264 -2.55 -10.39 10.51
N GLY A 265 -3.14 -11.59 10.61
CA GLY A 265 -4.01 -12.16 9.59
C GLY A 265 -3.32 -13.15 8.68
N LYS A 266 -2.06 -13.52 9.02
CA LYS A 266 -1.19 -14.46 8.28
C LYS A 266 0.07 -14.79 9.10
N VAL A 267 0.83 -15.84 8.70
CA VAL A 267 2.10 -16.19 9.33
C VAL A 267 3.18 -15.40 8.55
N GLY A 268 3.92 -14.54 9.27
CA GLY A 268 5.00 -13.73 8.69
C GLY A 268 6.18 -14.59 8.29
N THR A 269 6.67 -14.40 7.04
CA THR A 269 7.78 -15.18 6.48
C THR A 269 8.98 -14.30 5.99
N ASP A 270 9.09 -13.01 6.42
CA ASP A 270 10.19 -12.13 5.98
C ASP A 270 11.60 -12.70 6.18
N ILE A 271 11.81 -13.39 7.32
CA ILE A 271 13.09 -14.01 7.66
C ILE A 271 13.41 -15.13 6.66
N GLU A 272 12.46 -16.11 6.50
CA GLU A 272 12.57 -17.24 5.57
C GLU A 272 12.80 -16.72 4.15
N ASP A 273 12.08 -15.63 3.80
CA ASP A 273 12.13 -14.99 2.49
C ASP A 273 13.36 -14.12 2.27
N ALA A 274 14.19 -13.95 3.32
CA ALA A 274 15.43 -13.15 3.31
C ALA A 274 15.13 -11.70 2.93
N LYS A 275 13.97 -11.18 3.35
CA LYS A 275 13.58 -9.82 2.97
C LYS A 275 14.51 -8.77 3.58
N CYS A 276 14.71 -7.66 2.87
CA CYS A 276 15.52 -6.56 3.38
C CYS A 276 14.54 -5.76 4.22
N SER A 277 14.34 -6.20 5.46
CA SER A 277 13.41 -5.56 6.41
C SER A 277 14.17 -4.56 7.26
N TRP A 278 13.43 -3.67 7.94
CA TRP A 278 14.00 -2.68 8.84
C TRP A 278 14.77 -3.39 9.97
N LEU A 279 14.26 -4.54 10.45
CA LEU A 279 14.89 -5.34 11.50
C LEU A 279 16.26 -5.86 11.06
N ALA A 280 16.36 -6.44 9.86
CA ALA A 280 17.61 -6.97 9.33
C ALA A 280 18.66 -5.87 9.15
N VAL A 281 18.25 -4.74 8.52
CA VAL A 281 19.11 -3.59 8.26
C VAL A 281 19.63 -2.96 9.57
N THR A 282 18.70 -2.64 10.50
CA THR A 282 18.99 -2.03 11.80
C THR A 282 19.92 -2.92 12.64
N PHE A 283 19.64 -4.26 12.66
CA PHE A 283 20.45 -5.26 13.36
C PHE A 283 21.88 -5.23 12.81
N LEU A 284 22.02 -5.31 11.46
CA LEU A 284 23.35 -5.29 10.83
C LEU A 284 24.08 -3.96 11.05
N GLY A 285 23.33 -2.89 11.30
CA GLY A 285 23.93 -1.58 11.58
C GLY A 285 24.48 -1.45 12.98
N LYS A 286 24.31 -2.47 13.85
CA LYS A 286 24.79 -2.34 15.23
C LYS A 286 25.42 -3.62 15.81
N ALA A 287 25.31 -4.74 15.09
CA ALA A 287 25.85 -6.03 15.53
C ALA A 287 27.39 -6.07 15.50
N ASN A 288 27.98 -6.90 16.38
CA ASN A 288 29.43 -7.12 16.38
C ASN A 288 29.72 -8.20 15.33
N ALA A 289 31.01 -8.51 15.06
CA ALA A 289 31.41 -9.52 14.06
C ALA A 289 30.80 -10.92 14.30
N ALA A 290 30.73 -11.37 15.57
CA ALA A 290 30.17 -12.68 15.95
C ALA A 290 28.67 -12.74 15.66
N GLN A 291 27.94 -11.65 15.99
CA GLN A 291 26.50 -11.51 15.75
C GLN A 291 26.16 -11.48 14.26
N VAL A 292 27.03 -10.84 13.44
CA VAL A 292 26.84 -10.75 11.97
C VAL A 292 27.02 -12.17 11.38
N ALA A 293 28.02 -12.93 11.89
CA ALA A 293 28.26 -14.30 11.45
C ALA A 293 27.04 -15.19 11.73
N GLU A 294 26.46 -15.08 12.96
CA GLU A 294 25.29 -15.85 13.37
C GLU A 294 24.09 -15.49 12.50
N PHE A 295 23.95 -14.19 12.14
CA PHE A 295 22.88 -13.75 11.26
C PHE A 295 22.99 -14.41 9.87
N LYS A 296 24.20 -14.37 9.27
CA LYS A 296 24.51 -14.92 7.94
C LYS A 296 24.24 -16.41 7.86
N ALA A 297 24.57 -17.14 8.94
CA ALA A 297 24.37 -18.59 9.04
C ALA A 297 22.89 -19.02 9.15
N ASN A 298 21.98 -18.10 9.55
CA ASN A 298 20.58 -18.48 9.79
C ASN A 298 19.50 -17.76 8.96
N TYR A 299 19.81 -16.60 8.37
CA TYR A 299 18.84 -15.84 7.58
C TYR A 299 18.48 -16.47 6.23
N GLY A 300 17.24 -16.26 5.80
CA GLY A 300 16.72 -16.75 4.52
C GLY A 300 16.56 -18.24 4.39
N GLU A 301 16.33 -18.92 5.53
CA GLU A 301 16.14 -20.37 5.60
C GLU A 301 14.76 -20.72 6.15
N LYS A 302 14.10 -21.74 5.55
CA LYS A 302 12.77 -22.22 5.92
C LYS A 302 12.77 -22.90 7.30
N ASP A 303 13.90 -23.55 7.66
CA ASP A 303 14.09 -24.28 8.93
C ASP A 303 13.66 -23.44 10.16
N PRO A 304 12.58 -23.85 10.89
CA PRO A 304 12.12 -23.07 12.05
C PRO A 304 13.14 -22.80 13.15
N ALA A 305 14.16 -23.66 13.28
CA ALA A 305 15.23 -23.48 14.27
C ALA A 305 16.10 -22.28 13.87
N LYS A 306 16.38 -22.11 12.55
CA LYS A 306 17.17 -21.00 12.01
C LYS A 306 16.41 -19.67 12.12
N VAL A 307 15.08 -19.69 11.87
CA VAL A 307 14.16 -18.54 11.98
C VAL A 307 14.10 -18.09 13.46
N ALA A 308 14.11 -19.06 14.39
CA ALA A 308 14.08 -18.78 15.83
C ALA A 308 15.38 -18.12 16.28
N VAL A 309 16.53 -18.48 15.64
CA VAL A 309 17.85 -17.90 15.95
C VAL A 309 17.87 -16.41 15.57
N VAL A 310 17.40 -16.10 14.35
CA VAL A 310 17.31 -14.73 13.86
C VAL A 310 16.45 -13.87 14.81
N LYS A 311 15.25 -14.37 15.20
CA LYS A 311 14.33 -13.66 16.10
C LYS A 311 14.98 -13.41 17.46
N ARG A 312 15.80 -14.37 17.91
CA ARG A 312 16.54 -14.25 19.16
C ARG A 312 17.64 -13.18 19.05
N LEU A 313 18.27 -13.05 17.86
CA LEU A 313 19.30 -12.04 17.62
C LEU A 313 18.66 -10.64 17.65
N TYR A 314 17.45 -10.48 17.06
CA TYR A 314 16.71 -9.22 17.04
C TYR A 314 16.30 -8.78 18.45
N SER A 315 15.74 -9.71 19.25
CA SER A 315 15.28 -9.50 20.63
C SER A 315 16.41 -9.11 21.58
N LYS A 316 17.60 -9.73 21.42
CA LYS A 316 18.78 -9.45 22.24
C LYS A 316 19.53 -8.18 21.78
N ALA A 317 19.38 -7.80 20.49
CA ALA A 317 20.03 -6.62 19.93
C ALA A 317 19.42 -5.31 20.42
N ASN A 318 18.23 -5.41 21.08
CA ASN A 318 17.43 -4.30 21.61
C ASN A 318 17.03 -3.34 20.49
N LEU A 319 16.33 -3.90 19.50
CA LEU A 319 15.85 -3.15 18.35
C LEU A 319 14.65 -2.26 18.73
N GLN A 320 13.98 -2.55 19.87
CA GLN A 320 12.86 -1.77 20.42
C GLN A 320 13.32 -0.34 20.71
N ALA A 321 14.59 -0.18 21.18
CA ALA A 321 15.21 1.13 21.47
C ALA A 321 15.48 1.88 20.16
N ASP A 322 16.00 1.16 19.13
CA ASP A 322 16.26 1.70 17.80
C ASP A 322 14.97 2.17 17.16
N PHE A 323 13.86 1.40 17.35
CA PHE A 323 12.54 1.78 16.83
C PHE A 323 12.07 3.06 17.52
N ALA A 324 12.26 3.16 18.86
CA ALA A 324 11.86 4.34 19.64
C ALA A 324 12.61 5.59 19.18
N ALA A 325 13.92 5.45 18.83
CA ALA A 325 14.75 6.56 18.36
C ALA A 325 14.31 6.97 16.94
N TYR A 326 14.10 5.97 16.05
CA TYR A 326 13.61 6.20 14.70
C TYR A 326 12.25 6.93 14.73
N GLU A 327 11.33 6.44 15.60
CA GLU A 327 9.98 6.99 15.80
C GLU A 327 10.05 8.47 16.24
N ALA A 328 10.89 8.78 17.25
CA ALA A 328 11.09 10.15 17.73
C ALA A 328 11.60 11.08 16.61
N GLU A 329 12.50 10.60 15.74
CA GLU A 329 13.00 11.38 14.61
C GLU A 329 11.89 11.62 13.55
N VAL A 330 11.05 10.59 13.28
CA VAL A 330 9.92 10.68 12.34
C VAL A 330 8.87 11.67 12.87
N VAL A 331 8.45 11.51 14.14
CA VAL A 331 7.51 12.44 14.82
C VAL A 331 8.02 13.88 14.64
N ARG A 332 9.32 14.10 14.86
CA ARG A 332 10.00 15.39 14.74
C ARG A 332 9.91 15.95 13.29
N GLU A 333 10.28 15.13 12.31
CA GLU A 333 10.26 15.53 10.90
C GLU A 333 8.83 15.74 10.37
N VAL A 334 7.87 14.87 10.76
CA VAL A 334 6.43 14.96 10.36
C VAL A 334 5.85 16.27 10.90
N GLU A 335 6.15 16.60 12.17
CA GLU A 335 5.72 17.86 12.80
C GLU A 335 6.24 19.07 12.01
N SER A 336 7.55 19.05 11.61
CA SER A 336 8.20 20.12 10.83
C SER A 336 7.45 20.34 9.49
N LEU A 337 7.22 19.25 8.74
CA LEU A 337 6.52 19.32 7.46
C LEU A 337 5.08 19.81 7.59
N ILE A 338 4.37 19.38 8.65
CA ILE A 338 2.98 19.82 8.90
C ILE A 338 2.97 21.34 9.09
N GLU A 339 3.95 21.85 9.87
CA GLU A 339 4.13 23.27 10.08
C GLU A 339 4.37 24.00 8.76
N GLN A 340 5.22 23.43 7.90
CA GLN A 340 5.52 24.01 6.58
C GLN A 340 4.27 24.02 5.68
N LEU A 341 3.40 22.99 5.80
CA LEU A 341 2.13 22.91 5.05
C LEU A 341 1.11 23.95 5.54
N LYS A 342 1.19 24.36 6.85
CA LYS A 342 0.26 25.36 7.43
C LYS A 342 0.29 26.72 6.73
N VAL A 343 1.45 27.07 6.12
CA VAL A 343 1.69 28.34 5.40
C VAL A 343 0.65 28.53 4.28
N LYS A 344 0.43 27.49 3.46
CA LYS A 344 -0.52 27.55 2.35
C LYS A 344 -1.92 27.01 2.70
N SER A 345 -2.03 25.96 3.55
CA SER A 345 -3.35 25.42 3.91
C SER A 345 -3.43 24.77 5.30
N PRO A 346 -4.03 25.45 6.30
CA PRO A 346 -4.22 24.83 7.64
C PRO A 346 -5.14 23.62 7.55
N THR A 347 -6.10 23.66 6.60
CA THR A 347 -7.05 22.60 6.30
C THR A 347 -6.32 21.32 5.86
N PHE A 348 -5.43 21.44 4.86
CA PHE A 348 -4.70 20.28 4.34
C PHE A 348 -3.71 19.80 5.39
N ALA A 349 -3.05 20.74 6.11
CA ALA A 349 -2.12 20.37 7.17
C ALA A 349 -2.84 19.50 8.21
N GLU A 350 -4.11 19.87 8.57
CA GLU A 350 -4.94 19.09 9.50
C GLU A 350 -5.26 17.71 8.97
N SER A 351 -5.57 17.57 7.66
CA SER A 351 -5.84 16.26 7.09
C SER A 351 -4.60 15.38 7.23
N VAL A 352 -3.39 15.96 6.98
CA VAL A 352 -2.09 15.26 7.11
C VAL A 352 -1.84 14.88 8.58
N ALA A 353 -2.23 15.77 9.52
CA ALA A 353 -2.10 15.51 10.96
C ALA A 353 -2.92 14.29 11.37
N VAL A 354 -4.16 14.16 10.82
CA VAL A 354 -5.07 13.03 11.03
C VAL A 354 -4.51 11.74 10.41
N VAL A 355 -3.96 11.82 9.17
CA VAL A 355 -3.33 10.68 8.47
C VAL A 355 -2.18 10.15 9.36
N TRP A 356 -1.32 11.07 9.85
CA TRP A 356 -0.19 10.73 10.71
C TRP A 356 -0.65 10.06 12.02
N GLU A 357 -1.67 10.63 12.67
CA GLU A 357 -2.24 10.11 13.93
C GLU A 357 -2.73 8.67 13.75
N LYS A 358 -3.49 8.41 12.67
CA LYS A 358 -4.03 7.09 12.31
C LYS A 358 -2.90 6.08 12.02
N THR A 359 -1.76 6.55 11.51
CA THR A 359 -0.60 5.69 11.22
C THR A 359 0.17 5.37 12.51
N HIS A 360 0.50 6.42 13.29
CA HIS A 360 1.27 6.33 14.53
C HIS A 360 0.57 5.49 15.60
N LYS A 361 -0.76 5.62 15.72
CA LYS A 361 -1.57 4.95 16.74
C LYS A 361 -2.13 3.56 16.33
N ARG A 362 -1.93 3.11 15.07
CA ARG A 362 -2.43 1.80 14.62
C ARG A 362 -1.68 0.63 15.27
#